data_8F55
#
_entry.id   8F55
#
_cell.length_a   175.279
_cell.length_b   175.279
_cell.length_c   123.406
_cell.angle_alpha   90.00
_cell.angle_beta   90.00
_cell.angle_gamma   120.00
#
_symmetry.space_group_name_H-M   'H 3 2'
#
loop_
_entity.id
_entity.type
_entity.pdbx_description
1 polymer 'N-acetyltransferase Eis'
2 non-polymer (2E)-2-[(4-chlorophenyl)methylidene]hydrazine-1-carboximidamide
3 non-polymer 'DIMETHYL SULFOXIDE'
4 non-polymer GLYCEROL
5 non-polymer DI(HYDROXYETHYL)ETHER
6 water water
#
_entity_poly.entity_id   1
_entity_poly.type   'polypeptide(L)'
_entity_poly.pdbx_seq_one_letter_code
;MGSSHHHHHHSSGLVPRGSHMTVTLCSPTEDDWPGMFLLAAASFTDFIGPESATAWRTLVPTDGAVVVRDGAGPGSEVVG
MALYMDLRLTVPGEVVLPTAGLSFVAVAPTHRRRGLLRAMCAELHRRIADSGYPVAALHASEGGIYGRFGYGPATTLHEL
TVDRRFARFHADAPGGGLGGSSVRLVRPTEHRGEFEAIYERWRQQVPGGLLRPQVLWDELLAEAKAAPGGDRESFALLHP
DGYALYRVDRTDLKLARVSELRAVTADAHCALWRALIGLDSMERISIITHPQDPLPHLLTDTRLARTTWRQDGLWLRIMN
VPAALEARGYAHEVGEFSTVLEVSDGGRFALKIGDGRARCTPTDAAAEIEMDRDVLGSLYLGAHRASTLAAANRLRTKDS
QLLRRLDAAFASDVPVQTAFEF
;
_entity_poly.pdbx_strand_id   A
#
# COMPACT_ATOMS: atom_id res chain seq x y z
N VAL A 23 -5.03 32.85 9.27
CA VAL A 23 -5.27 31.54 8.57
C VAL A 23 -6.47 30.85 9.23
N THR A 24 -7.32 30.20 8.43
CA THR A 24 -8.51 29.45 8.91
C THR A 24 -8.59 28.10 8.21
N LEU A 25 -9.02 27.05 8.93
CA LEU A 25 -9.19 25.69 8.36
C LEU A 25 -10.68 25.43 8.16
N CYS A 26 -11.08 25.02 6.96
CA CYS A 26 -12.51 24.76 6.62
C CYS A 26 -12.60 23.78 5.44
N SER A 27 -13.75 23.15 5.27
CA SER A 27 -14.03 22.29 4.09
C SER A 27 -14.05 23.18 2.85
N PRO A 28 -13.47 22.75 1.71
CA PRO A 28 -13.38 23.60 0.53
C PRO A 28 -14.69 23.73 -0.27
N THR A 29 -15.02 24.95 -0.69
CA THR A 29 -16.12 25.26 -1.64
C THR A 29 -15.60 24.96 -3.06
N GLU A 30 -16.48 24.95 -4.06
CA GLU A 30 -16.10 24.67 -5.47
C GLU A 30 -15.09 25.73 -5.93
N ASP A 31 -15.16 26.95 -5.39
CA ASP A 31 -14.27 28.11 -5.70
C ASP A 31 -12.83 27.85 -5.25
N ASP A 32 -12.63 26.98 -4.27
CA ASP A 32 -11.29 26.70 -3.68
C ASP A 32 -10.48 25.80 -4.61
N TRP A 33 -11.12 25.07 -5.52
CA TRP A 33 -10.44 23.94 -6.23
C TRP A 33 -9.37 24.45 -7.20
N PRO A 34 -9.54 25.56 -7.96
CA PRO A 34 -8.42 26.11 -8.75
C PRO A 34 -7.20 26.47 -7.89
N GLY A 35 -7.39 27.08 -6.72
CA GLY A 35 -6.31 27.34 -5.74
C GLY A 35 -5.65 26.06 -5.25
N MET A 36 -6.43 24.99 -5.09
CA MET A 36 -5.92 23.67 -4.63
C MET A 36 -5.05 23.05 -5.74
N PHE A 37 -5.50 23.13 -7.00
CA PHE A 37 -4.75 22.62 -8.18
C PHE A 37 -3.44 23.41 -8.37
N LEU A 38 -3.43 24.72 -8.14
CA LEU A 38 -2.18 25.52 -8.21
C LEU A 38 -1.20 25.01 -7.15
N LEU A 39 -1.64 24.91 -5.89
CA LEU A 39 -0.81 24.37 -4.79
C LEU A 39 -0.33 22.96 -5.15
N ALA A 40 -1.20 22.13 -5.73
CA ALA A 40 -0.89 20.75 -6.16
C ALA A 40 0.26 20.77 -7.18
N ALA A 41 0.08 21.54 -8.26
CA ALA A 41 1.07 21.70 -9.36
C ALA A 41 2.42 22.16 -8.79
N ALA A 42 2.43 23.03 -7.78
CA ALA A 42 3.68 23.58 -7.20
C ALA A 42 4.28 22.61 -6.18
N SER A 43 3.50 21.64 -5.68
CA SER A 43 3.91 20.77 -4.55
C SER A 43 4.32 19.38 -5.04
N PHE A 44 3.67 18.86 -6.08
CA PHE A 44 3.84 17.47 -6.57
C PHE A 44 4.38 17.50 -8.00
N THR A 45 5.62 17.07 -8.22
CA THR A 45 6.26 17.12 -9.57
C THR A 45 5.52 16.11 -10.47
N ASP A 46 4.96 15.06 -9.88
CA ASP A 46 4.17 14.02 -10.60
C ASP A 46 2.69 14.44 -10.63
N PHE A 47 2.38 15.73 -10.42
CA PHE A 47 0.97 16.20 -10.36
C PHE A 47 0.27 15.75 -11.65
N ILE A 48 -0.85 15.05 -11.49
CA ILE A 48 -1.54 14.30 -12.57
C ILE A 48 -2.32 15.27 -13.47
N GLY A 49 -2.47 16.53 -13.05
CA GLY A 49 -3.15 17.60 -13.80
C GLY A 49 -4.63 17.68 -13.42
N PRO A 50 -5.34 18.80 -13.72
CA PRO A 50 -6.71 19.02 -13.26
C PRO A 50 -7.71 17.96 -13.72
N GLU A 51 -7.60 17.45 -14.95
CA GLU A 51 -8.55 16.43 -15.47
C GLU A 51 -8.43 15.15 -14.62
N SER A 52 -7.23 14.63 -14.40
CA SER A 52 -7.01 13.40 -13.59
C SER A 52 -7.44 13.65 -12.14
N ALA A 53 -7.02 14.78 -11.56
CA ALA A 53 -7.36 15.19 -10.17
C ALA A 53 -8.88 15.17 -9.98
N THR A 54 -9.64 15.62 -10.98
CA THR A 54 -11.13 15.68 -10.98
C THR A 54 -11.68 14.25 -10.97
N ALA A 55 -11.01 13.30 -11.63
CA ALA A 55 -11.40 11.88 -11.58
C ALA A 55 -11.17 11.30 -10.17
N TRP A 56 -9.98 11.49 -9.58
CA TRP A 56 -9.65 10.99 -8.21
C TRP A 56 -10.60 11.60 -7.18
N ARG A 57 -10.98 12.85 -7.42
CA ARG A 57 -11.86 13.65 -6.55
C ARG A 57 -13.20 12.92 -6.32
N THR A 58 -13.67 12.11 -7.27
CA THR A 58 -14.93 11.34 -7.14
C THR A 58 -14.82 10.33 -5.97
N LEU A 59 -13.61 10.02 -5.48
CA LEU A 59 -13.40 9.07 -4.34
C LEU A 59 -13.35 9.83 -3.01
N VAL A 60 -13.43 11.16 -3.04
CA VAL A 60 -13.38 12.00 -1.81
C VAL A 60 -14.81 12.23 -1.34
N PRO A 61 -15.18 11.75 -0.13
CA PRO A 61 -16.53 11.97 0.37
C PRO A 61 -16.75 13.46 0.66
N THR A 62 -18.01 13.86 0.71
CA THR A 62 -18.46 15.15 1.30
C THR A 62 -17.74 15.33 2.64
N ASP A 63 -17.14 16.50 2.89
CA ASP A 63 -16.42 16.75 4.17
C ASP A 63 -15.15 15.90 4.25
N GLY A 64 -14.68 15.31 3.13
CA GLY A 64 -13.43 14.54 3.08
C GLY A 64 -12.20 15.42 2.93
N ALA A 65 -12.35 16.72 2.67
CA ALA A 65 -11.24 17.66 2.39
C ALA A 65 -11.23 18.84 3.36
N VAL A 66 -10.04 19.34 3.67
CA VAL A 66 -9.81 20.61 4.41
C VAL A 66 -8.81 21.48 3.64
N VAL A 67 -9.00 22.80 3.72
CA VAL A 67 -8.06 23.82 3.17
C VAL A 67 -7.80 24.82 4.28
N VAL A 68 -6.63 25.46 4.20
CA VAL A 68 -6.26 26.59 5.09
C VAL A 68 -6.05 27.78 4.16
N ARG A 69 -6.82 28.86 4.35
CA ARG A 69 -6.68 30.08 3.51
C ARG A 69 -5.99 31.16 4.35
N ASP A 70 -5.32 32.11 3.70
CA ASP A 70 -4.62 33.23 4.39
C ASP A 70 -5.42 34.53 4.16
N SER A 76 -8.49 34.24 1.33
CA SER A 76 -8.07 34.65 -0.03
C SER A 76 -7.49 33.45 -0.79
N GLU A 77 -6.19 33.16 -0.64
CA GLU A 77 -5.49 32.09 -1.41
C GLU A 77 -5.32 30.84 -0.54
N VAL A 78 -5.20 29.67 -1.19
CA VAL A 78 -5.04 28.36 -0.50
C VAL A 78 -3.56 28.14 -0.16
N VAL A 79 -3.24 28.07 1.12
CA VAL A 79 -1.83 27.93 1.62
C VAL A 79 -1.63 26.52 2.18
N GLY A 80 -2.70 25.73 2.25
CA GLY A 80 -2.62 24.36 2.80
C GLY A 80 -3.85 23.55 2.44
N MET A 81 -3.68 22.24 2.25
CA MET A 81 -4.82 21.36 1.94
C MET A 81 -4.48 19.92 2.31
N ALA A 82 -5.51 19.13 2.56
CA ALA A 82 -5.44 17.69 2.84
C ALA A 82 -6.82 17.09 2.66
N LEU A 83 -6.86 15.84 2.21
CA LEU A 83 -8.14 15.12 2.04
C LEU A 83 -7.91 13.63 2.27
N TYR A 84 -9.02 12.89 2.34
CA TYR A 84 -9.02 11.41 2.38
C TYR A 84 -10.05 10.92 1.37
N MET A 85 -9.81 9.71 0.89
CA MET A 85 -10.70 9.01 -0.03
C MET A 85 -11.26 7.80 0.68
N ASP A 86 -12.46 7.38 0.28
CA ASP A 86 -13.07 6.14 0.80
C ASP A 86 -12.43 4.95 0.09
N LEU A 87 -11.72 4.10 0.82
CA LEU A 87 -11.01 2.92 0.24
C LEU A 87 -11.46 1.65 0.94
N ARG A 88 -11.19 0.50 0.31
CA ARG A 88 -11.46 -0.84 0.90
C ARG A 88 -10.13 -1.60 0.96
N LEU A 89 -9.63 -1.86 2.17
CA LEU A 89 -8.31 -2.48 2.37
C LEU A 89 -8.49 -3.92 2.85
N THR A 90 -7.81 -4.86 2.21
CA THR A 90 -7.81 -6.28 2.62
C THR A 90 -6.73 -6.43 3.69
N VAL A 91 -7.08 -7.07 4.81
CA VAL A 91 -6.15 -7.32 5.95
C VAL A 91 -6.10 -8.82 6.14
N PRO A 92 -5.13 -9.37 6.90
CA PRO A 92 -4.97 -10.82 7.02
C PRO A 92 -6.28 -11.50 7.42
N GLY A 93 -6.57 -12.67 6.84
CA GLY A 93 -7.84 -13.39 7.03
C GLY A 93 -8.84 -13.05 5.94
N GLU A 94 -8.42 -12.31 4.91
CA GLU A 94 -9.26 -11.92 3.75
C GLU A 94 -10.43 -11.04 4.20
N VAL A 95 -10.22 -10.27 5.27
CA VAL A 95 -11.20 -9.29 5.80
C VAL A 95 -10.92 -7.95 5.11
N VAL A 96 -11.98 -7.30 4.63
CA VAL A 96 -11.93 -5.98 3.93
C VAL A 96 -12.41 -4.91 4.90
N LEU A 97 -11.55 -3.94 5.23
CA LEU A 97 -11.91 -2.81 6.12
C LEU A 97 -12.18 -1.56 5.30
N PRO A 98 -13.21 -0.77 5.67
CA PRO A 98 -13.34 0.59 5.19
C PRO A 98 -12.11 1.36 5.71
N THR A 99 -11.45 2.10 4.81
CA THR A 99 -10.16 2.74 5.10
C THR A 99 -10.21 4.16 4.54
N ALA A 100 -9.79 5.15 5.34
CA ALA A 100 -9.62 6.54 4.89
C ALA A 100 -8.21 6.71 4.34
N GLY A 101 -8.10 6.91 3.03
CA GLY A 101 -6.80 7.07 2.33
C GLY A 101 -6.41 8.52 2.24
N LEU A 102 -5.54 9.00 3.13
CA LEU A 102 -5.07 10.40 3.10
C LEU A 102 -4.24 10.62 1.85
N SER A 103 -4.39 11.81 1.27
CA SER A 103 -3.77 12.16 -0.03
C SER A 103 -3.87 13.67 -0.27
N PHE A 104 -3.12 14.14 -1.26
CA PHE A 104 -3.20 15.53 -1.76
C PHE A 104 -2.89 16.49 -0.61
N VAL A 105 -1.96 16.09 0.26
CA VAL A 105 -1.54 16.88 1.45
C VAL A 105 -0.42 17.81 1.00
N ALA A 106 -0.58 19.13 1.19
CA ALA A 106 0.42 20.14 0.81
C ALA A 106 0.28 21.37 1.68
N VAL A 107 1.43 21.93 2.03
CA VAL A 107 1.55 23.28 2.64
C VAL A 107 2.37 24.14 1.68
N ALA A 108 1.90 25.36 1.41
CA ALA A 108 2.59 26.36 0.56
C ALA A 108 4.00 26.59 1.07
N PRO A 109 4.99 26.76 0.16
CA PRO A 109 6.37 26.99 0.58
C PRO A 109 6.49 28.29 1.39
N THR A 110 5.50 29.16 1.26
CA THR A 110 5.37 30.48 1.95
C THR A 110 4.86 30.33 3.38
N HIS A 111 4.37 29.15 3.79
CA HIS A 111 3.65 28.96 5.08
C HIS A 111 4.17 27.74 5.84
N ARG A 112 5.43 27.36 5.61
CA ARG A 112 6.11 26.30 6.39
C ARG A 112 6.17 26.72 7.86
N ARG A 113 6.32 25.73 8.75
CA ARG A 113 6.65 25.92 10.19
C ARG A 113 5.62 26.82 10.87
N ARG A 114 4.34 26.73 10.48
CA ARG A 114 3.23 27.45 11.16
C ARG A 114 2.20 26.44 11.66
N GLY A 115 2.56 25.16 11.75
CA GLY A 115 1.69 24.09 12.27
C GLY A 115 0.47 23.80 11.39
N LEU A 116 0.52 24.11 10.09
CA LEU A 116 -0.66 23.90 9.21
C LEU A 116 -0.91 22.40 9.02
N LEU A 117 0.15 21.62 8.81
CA LEU A 117 0.01 20.15 8.64
C LEU A 117 -0.63 19.54 9.90
N ARG A 118 -0.12 19.90 11.09
CA ARG A 118 -0.60 19.36 12.39
C ARG A 118 -2.09 19.71 12.53
N ALA A 119 -2.47 20.95 12.20
CA ALA A 119 -3.87 21.44 12.27
C ALA A 119 -4.76 20.67 11.27
N MET A 120 -4.29 20.45 10.04
CA MET A 120 -5.08 19.74 8.99
C MET A 120 -5.24 18.26 9.34
N CYS A 121 -4.18 17.60 9.84
CA CYS A 121 -4.20 16.17 10.21
C CYS A 121 -5.14 15.95 11.41
N ALA A 122 -5.11 16.85 12.40
CA ALA A 122 -5.97 16.78 13.60
C ALA A 122 -7.44 16.85 13.18
N GLU A 123 -7.79 17.78 12.28
CA GLU A 123 -9.19 17.98 11.84
C GLU A 123 -9.65 16.76 11.03
N LEU A 124 -8.82 16.27 10.09
CA LEU A 124 -9.24 15.10 9.26
C LEU A 124 -9.35 13.86 10.14
N HIS A 125 -8.43 13.65 11.08
CA HIS A 125 -8.45 12.45 11.96
C HIS A 125 -9.73 12.42 12.81
N ARG A 126 -10.18 13.59 13.24
CA ARG A 126 -11.44 13.80 14.01
C ARG A 126 -12.62 13.37 13.13
N ARG A 127 -12.67 13.90 11.91
CA ARG A 127 -13.73 13.55 10.92
C ARG A 127 -13.68 12.05 10.61
N ILE A 128 -12.49 11.48 10.41
CA ILE A 128 -12.32 10.06 9.99
C ILE A 128 -12.85 9.17 11.13
N ALA A 129 -12.47 9.48 12.37
CA ALA A 129 -12.86 8.71 13.58
C ALA A 129 -14.38 8.85 13.79
N ASP A 130 -14.93 10.06 13.72
CA ASP A 130 -16.38 10.31 13.88
C ASP A 130 -17.16 9.63 12.77
N SER A 131 -16.56 9.42 11.60
CA SER A 131 -17.26 8.79 10.45
C SER A 131 -17.31 7.28 10.63
N GLY A 132 -16.49 6.70 11.53
CA GLY A 132 -16.52 5.26 11.82
C GLY A 132 -15.48 4.45 11.04
N TYR A 133 -14.44 5.06 10.51
CA TYR A 133 -13.33 4.32 9.86
C TYR A 133 -12.46 3.70 10.95
N PRO A 134 -12.20 2.38 10.91
CA PRO A 134 -11.30 1.76 11.88
C PRO A 134 -9.81 2.04 11.61
N VAL A 135 -9.45 2.31 10.36
CA VAL A 135 -8.04 2.62 9.99
C VAL A 135 -8.01 3.74 8.95
N ALA A 136 -6.91 4.50 8.97
CA ALA A 136 -6.52 5.44 7.92
C ALA A 136 -5.19 4.97 7.33
N ALA A 137 -4.91 5.38 6.10
CA ALA A 137 -3.70 4.96 5.36
C ALA A 137 -3.21 6.08 4.44
N LEU A 138 -1.92 6.01 4.11
CA LEU A 138 -1.27 6.94 3.17
C LEU A 138 0.02 6.34 2.61
N HIS A 139 0.46 6.92 1.49
CA HIS A 139 1.83 6.81 0.93
C HIS A 139 2.59 8.08 1.32
N ALA A 140 3.77 7.92 1.92
CA ALA A 140 4.57 9.02 2.51
C ALA A 140 5.53 9.58 1.46
N SER A 141 5.54 10.90 1.28
CA SER A 141 6.49 11.59 0.38
C SER A 141 7.89 11.56 1.02
N GLU A 142 7.96 11.60 2.36
CA GLU A 142 9.22 11.40 3.13
C GLU A 142 8.94 10.48 4.31
N GLY A 143 9.99 9.84 4.84
CA GLY A 143 9.88 8.83 5.91
C GLY A 143 9.75 9.44 7.30
N GLY A 144 10.04 10.75 7.47
CA GLY A 144 10.19 11.35 8.81
C GLY A 144 8.97 12.13 9.29
N ILE A 145 7.89 12.19 8.50
CA ILE A 145 6.75 13.13 8.75
C ILE A 145 5.67 12.44 9.59
N TYR A 146 5.24 11.23 9.21
CA TYR A 146 3.89 10.70 9.53
C TYR A 146 3.88 9.87 10.82
N GLY A 147 5.04 9.41 11.31
CA GLY A 147 5.16 8.67 12.58
C GLY A 147 4.54 9.40 13.76
N ARG A 148 4.72 10.71 13.82
CA ARG A 148 4.26 11.52 14.98
C ARG A 148 2.75 11.70 14.94
N PHE A 149 2.09 11.43 13.81
CA PHE A 149 0.61 11.51 13.68
C PHE A 149 -0.01 10.11 13.81
N GLY A 150 0.79 9.11 14.21
CA GLY A 150 0.32 7.74 14.51
C GLY A 150 0.37 6.79 13.33
N TYR A 151 1.00 7.15 12.20
CA TYR A 151 1.12 6.26 11.02
C TYR A 151 2.42 5.45 11.10
N GLY A 152 2.30 4.15 10.89
CA GLY A 152 3.46 3.26 10.82
C GLY A 152 3.52 2.63 9.44
N PRO A 153 4.73 2.48 8.86
CA PRO A 153 4.87 1.81 7.57
C PRO A 153 4.46 0.34 7.72
N ALA A 154 3.59 -0.15 6.83
CA ALA A 154 2.87 -1.43 7.00
C ALA A 154 3.11 -2.39 5.84
N THR A 155 3.61 -1.89 4.70
CA THR A 155 4.04 -2.71 3.54
C THR A 155 5.44 -2.28 3.11
N THR A 156 6.16 -3.15 2.41
CA THR A 156 7.54 -2.91 1.95
C THR A 156 7.59 -3.08 0.44
N LEU A 157 8.00 -2.03 -0.28
CA LEU A 157 8.27 -2.09 -1.74
C LEU A 157 9.69 -2.63 -1.94
N HIS A 158 9.83 -3.55 -2.86
CA HIS A 158 11.08 -4.29 -3.14
C HIS A 158 11.25 -4.27 -4.66
N GLU A 159 12.19 -3.49 -5.17
CA GLU A 159 12.47 -3.49 -6.62
C GLU A 159 13.44 -4.62 -6.93
N LEU A 160 13.04 -5.52 -7.84
CA LEU A 160 13.93 -6.55 -8.42
C LEU A 160 14.26 -6.15 -9.85
N THR A 161 15.55 -6.22 -10.20
CA THR A 161 16.03 -6.05 -11.58
C THR A 161 16.67 -7.37 -12.00
N VAL A 162 16.18 -7.95 -13.09
CA VAL A 162 16.66 -9.27 -13.63
C VAL A 162 17.52 -9.02 -14.86
N ASP A 163 18.79 -9.46 -14.90
CA ASP A 163 19.56 -9.51 -16.17
C ASP A 163 19.06 -10.71 -16.96
N ARG A 164 18.07 -10.47 -17.82
CA ARG A 164 17.31 -11.57 -18.45
C ARG A 164 18.17 -12.28 -19.49
N ARG A 165 19.33 -11.74 -19.88
CA ARG A 165 20.22 -12.45 -20.84
C ARG A 165 20.80 -13.70 -20.19
N PHE A 166 20.93 -13.73 -18.86
CA PHE A 166 21.51 -14.90 -18.15
C PHE A 166 20.40 -15.73 -17.48
N ALA A 167 19.15 -15.28 -17.55
CA ALA A 167 18.03 -15.89 -16.77
C ALA A 167 17.67 -17.24 -17.39
N ARG A 168 17.77 -18.31 -16.59
CA ARG A 168 17.36 -19.68 -17.00
C ARG A 168 16.41 -20.21 -15.92
N PHE A 169 15.24 -20.71 -16.31
CA PHE A 169 14.21 -21.21 -15.37
C PHE A 169 14.66 -22.57 -14.82
N HIS A 170 14.40 -22.81 -13.53
CA HIS A 170 14.75 -24.08 -12.84
C HIS A 170 13.88 -25.21 -13.41
N ALA A 171 14.38 -26.44 -13.37
CA ALA A 171 13.64 -27.63 -13.86
C ALA A 171 12.29 -27.76 -13.15
N ASP A 172 12.23 -27.38 -11.87
CA ASP A 172 11.00 -27.49 -11.05
C ASP A 172 10.02 -26.36 -11.38
N ALA A 173 10.47 -25.30 -12.05
CA ALA A 173 9.64 -24.11 -12.37
C ALA A 173 8.39 -24.57 -13.12
N PRO A 174 7.18 -24.12 -12.71
CA PRO A 174 5.95 -24.46 -13.42
C PRO A 174 5.99 -24.03 -14.90
N GLY A 175 5.27 -24.74 -15.76
CA GLY A 175 5.21 -24.41 -17.21
C GLY A 175 6.45 -24.88 -17.94
N GLY A 176 6.77 -24.27 -19.07
CA GLY A 176 7.93 -24.66 -19.90
C GLY A 176 7.96 -26.15 -20.16
N SER A 181 1.98 -22.34 -24.33
CA SER A 181 1.53 -21.04 -24.88
C SER A 181 0.26 -20.57 -24.18
N SER A 182 0.35 -20.25 -22.88
CA SER A 182 -0.80 -19.84 -22.05
C SER A 182 -0.92 -18.31 -22.00
N VAL A 183 0.19 -17.59 -22.19
CA VAL A 183 0.22 -16.10 -22.08
C VAL A 183 0.10 -15.51 -23.49
N ARG A 184 -0.58 -14.36 -23.61
CA ARG A 184 -0.77 -13.66 -24.90
C ARG A 184 -0.27 -12.22 -24.78
N LEU A 185 0.48 -11.75 -25.77
CA LEU A 185 0.87 -10.32 -25.84
C LEU A 185 -0.33 -9.54 -26.41
N VAL A 186 -0.82 -8.54 -25.68
CA VAL A 186 -2.05 -7.82 -26.09
C VAL A 186 -1.91 -6.32 -25.82
N ARG A 187 -2.82 -5.55 -26.42
N ARG A 187 -2.83 -5.56 -26.41
CA ARG A 187 -2.98 -4.10 -26.16
CA ARG A 187 -2.99 -4.12 -26.16
C ARG A 187 -3.83 -3.94 -24.91
C ARG A 187 -3.83 -3.94 -24.90
N PRO A 188 -3.30 -3.26 -23.86
CA PRO A 188 -4.04 -3.07 -22.61
C PRO A 188 -5.50 -2.60 -22.77
N THR A 189 -5.74 -1.59 -23.61
CA THR A 189 -7.09 -0.96 -23.75
C THR A 189 -8.12 -1.96 -24.30
N GLU A 190 -7.70 -3.06 -24.89
CA GLU A 190 -8.63 -4.04 -25.53
C GLU A 190 -8.99 -5.16 -24.56
N HIS A 191 -8.41 -5.22 -23.35
CA HIS A 191 -8.65 -6.34 -22.40
C HIS A 191 -8.87 -5.83 -20.98
N ARG A 192 -9.56 -4.70 -20.83
CA ARG A 192 -9.83 -4.02 -19.54
C ARG A 192 -10.60 -4.96 -18.61
N GLY A 193 -11.69 -5.54 -19.12
CA GLY A 193 -12.58 -6.47 -18.40
C GLY A 193 -11.81 -7.63 -17.80
N GLU A 194 -10.86 -8.19 -18.54
CA GLU A 194 -10.06 -9.34 -18.06
C GLU A 194 -9.11 -8.86 -16.95
N PHE A 195 -8.53 -7.67 -17.09
CA PHE A 195 -7.58 -7.13 -16.07
C PHE A 195 -8.36 -6.88 -14.77
N GLU A 196 -9.51 -6.22 -14.89
CA GLU A 196 -10.42 -5.89 -13.76
C GLU A 196 -10.77 -7.15 -12.99
N ALA A 197 -11.19 -8.22 -13.68
CA ALA A 197 -11.60 -9.50 -13.07
C ALA A 197 -10.42 -10.14 -12.34
N ILE A 198 -9.23 -10.16 -12.95
CA ILE A 198 -8.03 -10.77 -12.31
C ILE A 198 -7.67 -9.96 -11.06
N TYR A 199 -7.65 -8.63 -11.17
CA TYR A 199 -7.27 -7.71 -10.08
C TYR A 199 -8.26 -7.89 -8.91
N GLU A 200 -9.55 -7.94 -9.22
CA GLU A 200 -10.65 -8.08 -8.21
C GLU A 200 -10.44 -9.38 -7.42
N ARG A 201 -10.06 -10.48 -8.08
CA ARG A 201 -9.72 -11.76 -7.40
C ARG A 201 -8.46 -11.55 -6.55
N TRP A 202 -7.46 -10.87 -7.08
CA TRP A 202 -6.16 -10.67 -6.40
C TRP A 202 -6.35 -9.86 -5.10
N ARG A 203 -7.07 -8.74 -5.16
CA ARG A 203 -7.13 -7.75 -4.05
C ARG A 203 -7.92 -8.33 -2.86
N GLN A 204 -8.88 -9.23 -3.11
CA GLN A 204 -9.70 -9.86 -2.04
C GLN A 204 -8.91 -10.93 -1.30
N GLN A 205 -7.82 -11.37 -1.90
CA GLN A 205 -7.05 -12.56 -1.47
C GLN A 205 -5.80 -12.12 -0.71
N VAL A 206 -5.33 -10.87 -0.88
CA VAL A 206 -3.96 -10.47 -0.47
C VAL A 206 -4.02 -9.32 0.54
N PRO A 207 -3.43 -9.45 1.74
CA PRO A 207 -3.32 -8.30 2.65
C PRO A 207 -2.57 -7.16 1.94
N GLY A 208 -3.11 -5.94 2.07
CA GLY A 208 -2.64 -4.76 1.33
C GLY A 208 -3.47 -4.52 0.08
N GLY A 209 -4.27 -5.50 -0.36
CA GLY A 209 -5.16 -5.31 -1.51
C GLY A 209 -6.10 -4.13 -1.31
N LEU A 210 -6.33 -3.35 -2.37
CA LEU A 210 -7.31 -2.24 -2.41
C LEU A 210 -8.27 -2.52 -3.56
N LEU A 211 -9.56 -2.27 -3.32
CA LEU A 211 -10.57 -2.19 -4.39
C LEU A 211 -10.11 -1.06 -5.32
N ARG A 212 -10.09 -1.32 -6.62
CA ARG A 212 -9.74 -0.29 -7.62
C ARG A 212 -11.02 0.13 -8.33
N PRO A 213 -11.58 1.32 -8.03
CA PRO A 213 -12.83 1.75 -8.66
C PRO A 213 -12.67 2.02 -10.16
N GLN A 214 -13.79 2.17 -10.87
CA GLN A 214 -13.81 2.38 -12.35
C GLN A 214 -12.93 3.58 -12.73
N VAL A 215 -12.98 4.69 -12.00
CA VAL A 215 -12.21 5.91 -12.40
C VAL A 215 -10.71 5.60 -12.41
N LEU A 216 -10.24 4.70 -11.54
CA LEU A 216 -8.78 4.42 -11.43
C LEU A 216 -8.35 3.46 -12.57
N TRP A 217 -9.25 2.59 -13.03
CA TRP A 217 -9.06 1.81 -14.28
C TRP A 217 -9.03 2.75 -15.49
N ASP A 218 -9.93 3.73 -15.56
CA ASP A 218 -9.90 4.80 -16.59
C ASP A 218 -8.51 5.43 -16.61
N GLU A 219 -8.02 5.85 -15.44
CA GLU A 219 -6.73 6.58 -15.31
C GLU A 219 -5.58 5.65 -15.69
N LEU A 220 -5.61 4.40 -15.24
CA LEU A 220 -4.51 3.44 -15.48
C LEU A 220 -4.33 3.22 -16.98
N LEU A 221 -5.42 3.00 -17.72
CA LEU A 221 -5.36 2.59 -19.15
C LEU A 221 -5.11 3.82 -20.03
N ALA A 222 -5.31 5.02 -19.48
CA ALA A 222 -4.92 6.30 -20.12
C ALA A 222 -3.39 6.49 -20.02
N GLU A 223 -2.77 6.04 -18.92
CA GLU A 223 -1.28 6.07 -18.75
C GLU A 223 -0.60 5.02 -19.65
N ALA A 224 -1.35 4.07 -20.22
CA ALA A 224 -0.80 2.97 -21.06
C ALA A 224 -0.44 3.48 -22.46
N LYS A 225 -0.89 4.68 -22.82
CA LYS A 225 -0.65 5.28 -24.16
C LYS A 225 0.70 6.00 -24.12
N ALA A 226 1.41 6.01 -25.24
CA ALA A 226 2.69 6.74 -25.37
C ALA A 226 2.40 8.24 -25.33
N ALA A 227 3.32 9.05 -24.81
CA ALA A 227 3.20 10.52 -24.76
C ALA A 227 4.39 11.14 -25.49
N PRO A 228 4.16 12.20 -26.31
CA PRO A 228 5.27 12.90 -26.97
C PRO A 228 6.24 13.48 -25.92
N GLY A 229 7.51 13.10 -25.98
CA GLY A 229 8.52 13.50 -24.99
C GLY A 229 8.26 12.87 -23.62
N GLY A 230 7.41 11.84 -23.58
CA GLY A 230 7.01 11.16 -22.33
C GLY A 230 7.26 9.67 -22.40
N ASP A 231 6.50 8.90 -21.60
CA ASP A 231 6.67 7.43 -21.51
C ASP A 231 6.35 6.80 -22.87
N ARG A 232 6.91 5.61 -23.13
CA ARG A 232 6.67 4.84 -24.37
C ARG A 232 5.34 4.09 -24.21
N GLU A 233 4.92 3.37 -25.24
CA GLU A 233 3.64 2.61 -25.24
C GLU A 233 3.75 1.42 -24.28
N SER A 234 2.69 1.13 -23.53
CA SER A 234 2.59 -0.05 -22.63
C SER A 234 2.01 -1.23 -23.39
N PHE A 235 2.51 -2.42 -23.08
CA PHE A 235 1.98 -3.71 -23.61
C PHE A 235 1.53 -4.52 -22.40
N ALA A 236 0.65 -5.48 -22.63
CA ALA A 236 0.17 -6.40 -21.60
C ALA A 236 0.53 -7.83 -21.99
N LEU A 237 0.89 -8.62 -20.98
CA LEU A 237 0.95 -10.10 -21.07
C LEU A 237 -0.24 -10.63 -20.28
N LEU A 238 -1.14 -11.34 -20.96
CA LEU A 238 -2.44 -11.77 -20.38
C LEU A 238 -2.48 -13.30 -20.29
N HIS A 239 -2.71 -13.78 -19.07
CA HIS A 239 -2.99 -15.19 -18.73
C HIS A 239 -4.39 -15.28 -18.13
N PRO A 240 -5.08 -16.43 -18.22
CA PRO A 240 -6.38 -16.59 -17.55
C PRO A 240 -6.38 -16.17 -16.07
N ASP A 241 -5.26 -16.35 -15.35
CA ASP A 241 -5.17 -16.13 -13.88
C ASP A 241 -4.08 -15.11 -13.53
N GLY A 242 -3.73 -14.21 -14.45
CA GLY A 242 -2.75 -13.15 -14.17
C GLY A 242 -2.52 -12.24 -15.35
N TYR A 243 -2.00 -11.04 -15.10
CA TYR A 243 -1.55 -10.12 -16.17
C TYR A 243 -0.30 -9.39 -15.71
N ALA A 244 0.47 -8.90 -16.67
CA ALA A 244 1.61 -7.99 -16.47
C ALA A 244 1.48 -6.82 -17.44
N LEU A 245 1.60 -5.59 -16.95
CA LEU A 245 1.70 -4.38 -17.82
C LEU A 245 3.15 -3.91 -17.76
N TYR A 246 3.73 -3.64 -18.90
CA TYR A 246 5.15 -3.24 -18.98
C TYR A 246 5.33 -2.22 -20.10
N ARG A 247 6.43 -1.49 -20.01
CA ARG A 247 6.83 -0.53 -21.06
C ARG A 247 8.35 -0.43 -21.03
N VAL A 248 8.93 -0.16 -22.20
CA VAL A 248 10.38 0.14 -22.31
C VAL A 248 10.61 1.49 -21.62
N ASP A 249 11.74 1.61 -20.92
CA ASP A 249 12.13 2.86 -20.22
C ASP A 249 12.36 3.95 -21.27
N ARG A 250 12.01 5.21 -20.94
CA ARG A 250 12.09 6.38 -21.86
C ARG A 250 13.50 6.52 -22.40
N THR A 251 14.51 6.44 -21.52
CA THR A 251 15.91 6.78 -21.86
C THR A 251 16.77 5.51 -21.91
N ASP A 252 16.58 4.54 -21.01
CA ASP A 252 17.30 3.24 -21.07
C ASP A 252 16.48 2.28 -21.94
N LEU A 253 16.86 2.13 -23.22
CA LEU A 253 16.08 1.37 -24.23
C LEU A 253 16.36 -0.13 -24.11
N LYS A 254 17.21 -0.57 -23.18
CA LYS A 254 17.42 -2.02 -22.88
C LYS A 254 16.79 -2.40 -21.54
N LEU A 255 15.97 -1.51 -20.96
CA LEU A 255 15.26 -1.76 -19.68
C LEU A 255 13.76 -1.82 -19.94
N ALA A 256 13.10 -2.93 -19.60
CA ALA A 256 11.62 -3.00 -19.54
C ALA A 256 11.20 -2.83 -18.09
N ARG A 257 10.28 -1.91 -17.84
CA ARG A 257 9.70 -1.71 -16.49
C ARG A 257 8.29 -2.29 -16.46
N VAL A 258 8.10 -3.27 -15.58
CA VAL A 258 6.77 -3.85 -15.28
C VAL A 258 6.08 -2.90 -14.30
N SER A 259 5.04 -2.20 -14.74
CA SER A 259 4.29 -1.24 -13.88
C SER A 259 3.41 -2.04 -12.89
N GLU A 260 2.99 -3.24 -13.28
CA GLU A 260 1.98 -4.02 -12.51
C GLU A 260 1.98 -5.46 -12.99
N LEU A 261 2.17 -6.39 -12.07
CA LEU A 261 1.98 -7.84 -12.29
C LEU A 261 1.05 -8.37 -11.20
N ARG A 262 -0.13 -8.84 -11.59
CA ARG A 262 -1.15 -9.44 -10.69
C ARG A 262 -1.36 -10.89 -11.13
N ALA A 263 -1.06 -11.84 -10.25
CA ALA A 263 -1.16 -13.28 -10.49
C ALA A 263 -1.85 -13.92 -9.28
N VAL A 264 -2.87 -14.71 -9.58
CA VAL A 264 -3.80 -15.30 -8.60
C VAL A 264 -3.42 -16.77 -8.40
N THR A 265 -2.57 -17.34 -9.26
CA THR A 265 -2.00 -18.71 -9.11
C THR A 265 -0.49 -18.66 -9.33
N ALA A 266 0.25 -19.65 -8.83
CA ALA A 266 1.71 -19.78 -9.02
C ALA A 266 2.00 -20.04 -10.50
N ASP A 267 1.17 -20.85 -11.15
CA ASP A 267 1.29 -21.16 -12.59
C ASP A 267 1.26 -19.86 -13.41
N ALA A 268 0.33 -18.96 -13.10
CA ALA A 268 0.18 -17.66 -13.82
C ALA A 268 1.43 -16.81 -13.64
N HIS A 269 1.95 -16.77 -12.41
CA HIS A 269 3.11 -15.95 -12.00
C HIS A 269 4.34 -16.42 -12.80
N CYS A 270 4.56 -17.73 -12.86
CA CYS A 270 5.71 -18.34 -13.59
C CYS A 270 5.55 -18.10 -15.10
N ALA A 271 4.35 -18.34 -15.64
CA ALA A 271 4.05 -18.21 -17.08
C ALA A 271 4.28 -16.76 -17.51
N LEU A 272 3.87 -15.79 -16.69
CA LEU A 272 4.09 -14.36 -17.00
C LEU A 272 5.59 -14.05 -16.99
N TRP A 273 6.37 -14.63 -16.06
CA TRP A 273 7.82 -14.34 -15.97
C TRP A 273 8.57 -15.02 -17.13
N ARG A 274 8.15 -16.20 -17.56
CA ARG A 274 8.72 -16.85 -18.78
C ARG A 274 8.53 -15.90 -19.98
N ALA A 275 7.33 -15.33 -20.14
CA ALA A 275 7.06 -14.37 -21.24
C ALA A 275 7.94 -13.13 -21.07
N LEU A 276 8.09 -12.58 -19.86
CA LEU A 276 8.91 -11.35 -19.66
C LEU A 276 10.38 -11.65 -19.94
N ILE A 277 10.90 -12.80 -19.49
CA ILE A 277 12.30 -13.20 -19.79
C ILE A 277 12.44 -13.41 -21.31
N GLY A 278 11.34 -13.68 -22.04
CA GLY A 278 11.35 -13.76 -23.52
C GLY A 278 11.45 -12.41 -24.22
N LEU A 279 11.54 -11.27 -23.52
CA LEU A 279 11.72 -9.96 -24.19
C LEU A 279 13.20 -9.82 -24.62
N ASP A 280 13.53 -10.49 -25.72
CA ASP A 280 14.92 -10.76 -26.19
C ASP A 280 15.62 -9.45 -26.58
N SER A 281 14.91 -8.38 -26.91
CA SER A 281 15.58 -7.08 -27.18
C SER A 281 15.94 -6.34 -25.89
N MET A 282 15.54 -6.84 -24.71
CA MET A 282 15.84 -6.15 -23.43
C MET A 282 17.04 -6.84 -22.76
N GLU A 283 17.85 -6.07 -22.04
CA GLU A 283 18.96 -6.63 -21.21
C GLU A 283 18.44 -6.87 -19.80
N ARG A 284 17.56 -5.99 -19.32
CA ARG A 284 17.09 -6.03 -17.91
C ARG A 284 15.58 -5.83 -17.84
N ILE A 285 14.94 -6.52 -16.90
CA ILE A 285 13.48 -6.35 -16.58
C ILE A 285 13.40 -5.91 -15.13
N SER A 286 12.72 -4.80 -14.84
CA SER A 286 12.58 -4.26 -13.47
C SER A 286 11.12 -4.33 -13.04
N ILE A 287 10.87 -4.57 -11.76
CA ILE A 287 9.50 -4.58 -11.19
C ILE A 287 9.56 -4.13 -9.73
N ILE A 288 8.60 -3.32 -9.30
CA ILE A 288 8.44 -2.99 -7.86
C ILE A 288 7.48 -4.04 -7.28
N THR A 289 8.01 -4.97 -6.48
CA THR A 289 7.21 -6.10 -5.93
C THR A 289 7.31 -6.08 -4.40
N HIS A 290 7.12 -7.24 -3.76
CA HIS A 290 7.16 -7.40 -2.29
C HIS A 290 8.33 -8.33 -1.93
N PRO A 291 8.81 -8.31 -0.66
CA PRO A 291 9.97 -9.10 -0.27
C PRO A 291 9.85 -10.62 -0.46
N GLN A 292 8.63 -11.14 -0.50
CA GLN A 292 8.39 -12.61 -0.59
C GLN A 292 8.07 -13.02 -2.03
N ASP A 293 8.36 -12.18 -3.02
CA ASP A 293 8.16 -12.54 -4.45
C ASP A 293 9.00 -13.78 -4.75
N PRO A 294 8.38 -14.87 -5.27
CA PRO A 294 9.11 -16.12 -5.51
C PRO A 294 9.97 -16.16 -6.78
N LEU A 295 10.01 -15.06 -7.55
CA LEU A 295 10.73 -14.99 -8.84
C LEU A 295 12.15 -15.55 -8.71
N PRO A 296 12.96 -15.11 -7.72
CA PRO A 296 14.35 -15.56 -7.62
C PRO A 296 14.45 -17.09 -7.62
N HIS A 297 13.51 -17.76 -6.96
CA HIS A 297 13.50 -19.24 -6.79
C HIS A 297 13.03 -19.94 -8.08
N LEU A 298 12.47 -19.20 -9.03
CA LEU A 298 12.05 -19.77 -10.35
C LEU A 298 13.28 -19.95 -11.24
N LEU A 299 14.42 -19.36 -10.88
CA LEU A 299 15.62 -19.35 -11.74
C LEU A 299 16.70 -20.27 -11.15
N THR A 300 17.58 -20.78 -12.01
CA THR A 300 18.74 -21.61 -11.60
C THR A 300 19.72 -20.75 -10.80
N ASP A 301 19.83 -19.45 -11.14
CA ASP A 301 20.69 -18.48 -10.41
C ASP A 301 19.80 -17.44 -9.72
N THR A 302 19.50 -17.63 -8.43
CA THR A 302 18.61 -16.75 -7.62
C THR A 302 19.18 -15.33 -7.56
N ARG A 303 20.49 -15.19 -7.78
CA ARG A 303 21.23 -13.91 -7.64
C ARG A 303 20.88 -12.96 -8.79
N LEU A 304 20.49 -13.52 -9.95
CA LEU A 304 20.08 -12.72 -11.14
C LEU A 304 18.92 -11.78 -10.84
N ALA A 305 18.03 -12.15 -9.90
CA ALA A 305 16.95 -11.24 -9.46
C ALA A 305 17.50 -10.35 -8.35
N ARG A 306 18.12 -9.22 -8.74
CA ARG A 306 18.84 -8.31 -7.82
C ARG A 306 17.84 -7.35 -7.18
N THR A 307 17.95 -7.17 -5.86
CA THR A 307 17.21 -6.12 -5.12
C THR A 307 17.98 -4.83 -5.28
N THR A 308 17.43 -3.92 -6.09
CA THR A 308 18.02 -2.62 -6.49
C THR A 308 17.40 -1.47 -5.70
N TRP A 309 16.32 -1.70 -4.95
CA TRP A 309 15.63 -0.63 -4.19
C TRP A 309 14.64 -1.22 -3.18
N ARG A 310 14.55 -0.60 -2.00
CA ARG A 310 13.56 -0.94 -0.95
C ARG A 310 13.06 0.31 -0.26
N GLN A 311 11.77 0.33 0.02
CA GLN A 311 11.12 1.50 0.63
C GLN A 311 9.80 1.06 1.26
N ASP A 312 9.46 1.72 2.36
CA ASP A 312 8.09 1.73 2.95
C ASP A 312 7.09 1.95 1.82
N GLY A 313 6.02 1.15 1.78
CA GLY A 313 4.90 1.34 0.85
C GLY A 313 3.73 2.02 1.54
N LEU A 314 2.72 1.24 1.91
CA LEU A 314 1.51 1.78 2.58
C LEU A 314 1.84 2.02 4.06
N TRP A 315 1.38 3.15 4.59
CA TRP A 315 1.41 3.49 6.04
C TRP A 315 -0.01 3.38 6.61
N LEU A 316 -0.13 2.85 7.82
CA LEU A 316 -1.44 2.68 8.52
C LEU A 316 -1.46 3.49 9.81
N ARG A 317 -2.58 4.17 10.06
CA ARG A 317 -2.93 4.67 11.41
C ARG A 317 -4.17 3.92 11.86
N ILE A 318 -4.03 3.12 12.92
CA ILE A 318 -5.17 2.43 13.58
C ILE A 318 -5.97 3.51 14.29
N MET A 319 -7.20 3.76 13.83
CA MET A 319 -8.06 4.83 14.40
C MET A 319 -8.77 4.29 15.64
N ASN A 320 -9.17 3.02 15.57
CA ASN A 320 -9.93 2.33 16.65
C ASN A 320 -9.24 0.99 16.91
N VAL A 321 -8.52 0.89 18.02
CA VAL A 321 -7.64 -0.27 18.34
C VAL A 321 -8.49 -1.54 18.46
N PRO A 322 -9.56 -1.57 19.28
CA PRO A 322 -10.34 -2.80 19.44
C PRO A 322 -11.00 -3.27 18.14
N ALA A 323 -11.60 -2.35 17.37
CA ALA A 323 -12.27 -2.68 16.09
C ALA A 323 -11.25 -3.31 15.12
N ALA A 324 -10.06 -2.70 14.99
CA ALA A 324 -9.02 -3.18 14.06
C ALA A 324 -8.48 -4.53 14.52
N LEU A 325 -8.12 -4.66 15.79
CA LEU A 325 -7.50 -5.90 16.32
C LEU A 325 -8.49 -7.05 16.19
N GLU A 326 -9.78 -6.81 16.41
CA GLU A 326 -10.80 -7.89 16.37
C GLU A 326 -11.15 -8.23 14.92
N ALA A 327 -11.00 -7.29 13.99
CA ALA A 327 -11.44 -7.47 12.58
C ALA A 327 -10.51 -8.44 11.83
N ARG A 328 -9.20 -8.38 12.07
CA ARG A 328 -8.23 -9.19 11.27
C ARG A 328 -8.20 -10.63 11.80
N GLY A 329 -7.83 -11.58 10.94
CA GLY A 329 -7.60 -12.97 11.35
C GLY A 329 -6.18 -13.12 11.89
N TYR A 330 -5.94 -14.13 12.71
CA TYR A 330 -4.61 -14.38 13.32
C TYR A 330 -4.18 -15.81 12.99
N ALA A 331 -2.90 -16.11 13.20
CA ALA A 331 -2.34 -17.43 12.86
C ALA A 331 -2.98 -18.48 13.76
N HIS A 332 -3.51 -19.55 13.15
CA HIS A 332 -4.15 -20.67 13.88
C HIS A 332 -3.09 -21.50 14.61
N GLU A 333 -1.81 -21.34 14.25
CA GLU A 333 -0.71 -22.20 14.77
C GLU A 333 -0.45 -21.88 16.26
N VAL A 334 -0.38 -20.60 16.63
CA VAL A 334 -0.11 -20.17 18.02
C VAL A 334 -1.28 -20.58 18.92
N GLY A 335 -0.98 -21.04 20.14
CA GLY A 335 -2.01 -21.47 21.10
C GLY A 335 -2.70 -20.26 21.71
N GLU A 336 -3.95 -20.43 22.16
CA GLU A 336 -4.69 -19.36 22.86
C GLU A 336 -3.75 -18.72 23.89
N PHE A 337 -3.68 -17.39 23.90
CA PHE A 337 -2.96 -16.59 24.91
C PHE A 337 -3.70 -15.26 25.13
N SER A 338 -3.47 -14.68 26.30
CA SER A 338 -4.09 -13.43 26.79
C SER A 338 -2.97 -12.50 27.23
N THR A 339 -3.15 -11.21 27.04
CA THR A 339 -2.17 -10.22 27.53
C THR A 339 -2.92 -8.90 27.70
N VAL A 340 -2.20 -7.88 28.15
CA VAL A 340 -2.71 -6.49 28.28
C VAL A 340 -1.80 -5.60 27.44
N LEU A 341 -2.40 -5.02 26.41
CA LEU A 341 -1.76 -4.08 25.46
C LEU A 341 -2.17 -2.66 25.83
N GLU A 342 -1.19 -1.79 26.02
CA GLU A 342 -1.43 -0.34 26.21
C GLU A 342 -0.88 0.38 24.98
N VAL A 343 -1.73 1.10 24.25
CA VAL A 343 -1.27 2.01 23.17
C VAL A 343 -1.13 3.41 23.77
N SER A 344 0.03 4.04 23.58
CA SER A 344 0.33 5.41 24.09
C SER A 344 -0.77 6.37 23.61
N ASP A 345 -1.53 6.95 24.54
CA ASP A 345 -2.65 7.88 24.23
C ASP A 345 -3.63 7.20 23.28
N GLY A 346 -3.83 5.89 23.43
CA GLY A 346 -4.72 5.10 22.54
C GLY A 346 -5.54 4.07 23.30
N GLY A 347 -5.34 3.97 24.61
CA GLY A 347 -6.15 3.08 25.48
C GLY A 347 -5.37 1.87 25.95
N ARG A 348 -5.94 1.14 26.90
CA ARG A 348 -5.36 -0.12 27.42
C ARG A 348 -6.40 -1.24 27.28
N PHE A 349 -6.00 -2.39 26.74
CA PHE A 349 -6.91 -3.49 26.35
C PHE A 349 -6.42 -4.84 26.86
N ALA A 350 -7.38 -5.64 27.34
CA ALA A 350 -7.23 -7.09 27.51
C ALA A 350 -7.36 -7.74 26.13
N LEU A 351 -6.28 -8.30 25.63
CA LEU A 351 -6.20 -8.89 24.27
C LEU A 351 -6.08 -10.40 24.44
N LYS A 352 -7.08 -11.12 23.95
CA LYS A 352 -7.09 -12.60 23.94
C LYS A 352 -7.16 -13.06 22.49
N ILE A 353 -6.18 -13.87 22.09
CA ILE A 353 -6.05 -14.42 20.72
C ILE A 353 -6.10 -15.95 20.80
N GLY A 354 -7.03 -16.57 20.06
CA GLY A 354 -7.13 -18.03 19.97
C GLY A 354 -7.96 -18.43 18.76
N ASP A 355 -7.63 -19.56 18.13
CA ASP A 355 -8.37 -20.09 16.95
C ASP A 355 -8.44 -19.03 15.85
N GLY A 356 -7.36 -18.25 15.68
CA GLY A 356 -7.24 -17.27 14.59
C GLY A 356 -8.09 -16.02 14.79
N ARG A 357 -8.68 -15.81 15.98
CA ARG A 357 -9.55 -14.64 16.27
C ARG A 357 -9.00 -13.94 17.52
N ALA A 358 -9.21 -12.62 17.61
CA ALA A 358 -8.87 -11.82 18.81
C ALA A 358 -10.14 -11.22 19.40
N ARG A 359 -10.17 -11.15 20.73
CA ARG A 359 -11.12 -10.33 21.53
C ARG A 359 -10.28 -9.28 22.26
N CYS A 360 -10.71 -8.02 22.19
CA CYS A 360 -9.92 -6.84 22.65
C CYS A 360 -10.87 -5.92 23.44
N THR A 361 -10.79 -5.93 24.77
CA THR A 361 -11.78 -5.27 25.67
C THR A 361 -11.07 -4.27 26.59
N PRO A 362 -11.76 -3.19 27.03
CA PRO A 362 -11.18 -2.23 27.96
C PRO A 362 -10.71 -2.90 29.26
N THR A 363 -9.58 -2.45 29.80
CA THR A 363 -9.09 -2.91 31.12
C THR A 363 -8.29 -1.80 31.78
N ASP A 364 -8.23 -1.81 33.10
CA ASP A 364 -7.27 -0.98 33.86
C ASP A 364 -6.21 -1.89 34.49
N ALA A 365 -6.21 -3.19 34.18
CA ALA A 365 -5.14 -4.13 34.61
C ALA A 365 -3.79 -3.61 34.12
N ALA A 366 -2.72 -3.98 34.83
CA ALA A 366 -1.31 -3.62 34.51
C ALA A 366 -1.00 -4.03 33.07
N ALA A 367 -0.40 -3.13 32.28
CA ALA A 367 0.02 -3.41 30.88
C ALA A 367 1.15 -4.44 30.88
N GLU A 368 1.12 -5.41 29.98
CA GLU A 368 2.25 -6.36 29.74
C GLU A 368 3.03 -5.96 28.48
N ILE A 369 2.37 -5.24 27.54
CA ILE A 369 2.97 -4.71 26.28
C ILE A 369 2.59 -3.24 26.16
N GLU A 370 3.56 -2.39 25.84
CA GLU A 370 3.30 -0.96 25.51
C GLU A 370 3.92 -0.66 24.15
N MET A 371 3.26 0.19 23.37
CA MET A 371 3.81 0.75 22.11
C MET A 371 3.02 1.99 21.71
N ASP A 372 3.65 2.88 20.94
CA ASP A 372 2.96 4.02 20.29
C ASP A 372 2.02 3.45 19.22
N ARG A 373 1.03 4.24 18.84
CA ARG A 373 -0.01 3.86 17.85
C ARG A 373 0.65 3.48 16.52
N ASP A 374 1.71 4.19 16.11
CA ASP A 374 2.38 3.98 14.78
C ASP A 374 2.93 2.55 14.71
N VAL A 375 3.48 2.05 15.81
CA VAL A 375 4.08 0.69 15.92
C VAL A 375 2.99 -0.34 15.66
N LEU A 376 1.79 -0.10 16.19
CA LEU A 376 0.67 -1.04 15.97
C LEU A 376 0.34 -1.10 14.47
N GLY A 377 0.30 0.05 13.78
CA GLY A 377 0.07 0.07 12.32
C GLY A 377 1.10 -0.76 11.58
N SER A 378 2.37 -0.69 12.00
CA SER A 378 3.52 -1.45 11.41
C SER A 378 3.37 -2.96 11.62
N LEU A 379 2.79 -3.41 12.74
CA LEU A 379 2.58 -4.87 13.02
C LEU A 379 1.35 -5.38 12.26
N TYR A 380 0.41 -4.50 11.91
CA TYR A 380 -1.01 -4.89 11.72
C TYR A 380 -1.19 -5.82 10.52
N LEU A 381 -0.44 -5.62 9.43
CA LEU A 381 -0.60 -6.43 8.19
C LEU A 381 0.43 -7.57 8.14
N GLY A 382 1.34 -7.65 9.11
CA GLY A 382 2.34 -8.74 9.18
C GLY A 382 3.66 -8.42 8.49
N ALA A 383 3.96 -7.16 8.15
CA ALA A 383 5.19 -6.79 7.40
C ALA A 383 6.41 -6.66 8.32
N HIS A 384 6.19 -6.34 9.59
CA HIS A 384 7.27 -6.11 10.59
C HIS A 384 7.03 -7.05 11.77
N ARG A 385 8.10 -7.62 12.30
CA ARG A 385 8.03 -8.56 13.45
C ARG A 385 8.03 -7.76 14.75
N ALA A 386 7.13 -8.11 15.66
CA ALA A 386 7.11 -7.55 17.03
C ALA A 386 8.51 -7.65 17.65
N SER A 387 9.24 -8.75 17.46
CA SER A 387 10.58 -8.92 18.10
C SER A 387 11.58 -7.94 17.50
N THR A 388 11.43 -7.56 16.23
CA THR A 388 12.32 -6.56 15.59
C THR A 388 12.05 -5.18 16.19
N LEU A 389 10.79 -4.82 16.36
CA LEU A 389 10.40 -3.50 16.94
C LEU A 389 10.78 -3.45 18.42
N ALA A 390 10.67 -4.57 19.14
CA ALA A 390 11.12 -4.69 20.55
C ALA A 390 12.62 -4.40 20.63
N ALA A 391 13.41 -4.93 19.71
CA ALA A 391 14.89 -4.79 19.73
C ALA A 391 15.27 -3.30 19.57
N ALA A 392 14.38 -2.49 19.00
CA ALA A 392 14.58 -1.03 18.84
C ALA A 392 13.89 -0.26 19.98
N ASN A 393 13.26 -1.01 20.90
CA ASN A 393 12.52 -0.47 22.06
C ASN A 393 11.31 0.36 21.61
N ARG A 394 10.74 0.11 20.42
CA ARG A 394 9.49 0.78 19.95
C ARG A 394 8.28 0.09 20.57
N LEU A 395 8.52 -1.09 21.13
CA LEU A 395 7.54 -2.04 21.69
C LEU A 395 8.17 -2.61 22.95
N ARG A 396 7.58 -2.37 24.13
CA ARG A 396 8.20 -2.74 25.43
C ARG A 396 7.35 -3.81 26.09
N THR A 397 8.00 -4.94 26.40
CA THR A 397 7.49 -5.99 27.32
C THR A 397 8.67 -6.58 28.11
N LYS A 398 8.37 -7.19 29.25
CA LYS A 398 9.37 -7.88 30.12
C LYS A 398 9.21 -9.39 29.95
N ASP A 399 8.41 -9.82 28.96
CA ASP A 399 8.13 -11.25 28.69
C ASP A 399 8.54 -11.63 27.25
N SER A 400 9.62 -12.39 27.06
CA SER A 400 10.10 -12.80 25.72
C SER A 400 9.19 -13.87 25.13
N GLN A 401 8.54 -14.69 25.96
CA GLN A 401 7.53 -15.66 25.48
C GLN A 401 6.35 -14.91 24.83
N LEU A 402 5.92 -13.80 25.44
CA LEU A 402 4.81 -12.96 24.91
C LEU A 402 5.21 -12.42 23.54
N LEU A 403 6.47 -11.99 23.40
CA LEU A 403 7.02 -11.46 22.12
C LEU A 403 6.93 -12.52 21.02
N ARG A 404 7.36 -13.75 21.31
CA ARG A 404 7.32 -14.85 20.30
C ARG A 404 5.85 -15.10 19.92
N ARG A 405 4.94 -15.03 20.88
CA ARG A 405 3.52 -15.31 20.61
C ARG A 405 2.90 -14.20 19.75
N LEU A 406 3.26 -12.94 20.00
CA LEU A 406 2.77 -11.79 19.19
C LEU A 406 3.28 -11.95 17.76
N ASP A 407 4.60 -12.14 17.60
CA ASP A 407 5.26 -12.39 16.29
C ASP A 407 4.45 -13.42 15.50
N ALA A 408 4.19 -14.59 16.08
CA ALA A 408 3.57 -15.74 15.40
C ALA A 408 2.11 -15.40 15.06
N ALA A 409 1.40 -14.79 16.00
CA ALA A 409 -0.04 -14.51 15.86
C ALA A 409 -0.27 -13.45 14.77
N PHE A 410 0.54 -12.38 14.75
CA PHE A 410 0.35 -11.23 13.83
C PHE A 410 0.90 -11.56 12.44
N ALA A 411 1.71 -12.62 12.29
CA ALA A 411 2.22 -13.11 10.99
C ALA A 411 1.02 -13.39 10.06
N SER A 412 1.19 -13.09 8.77
CA SER A 412 0.21 -13.37 7.70
C SER A 412 0.67 -14.58 6.89
N ASP A 413 -0.20 -15.57 6.65
CA ASP A 413 0.09 -16.73 5.78
C ASP A 413 0.30 -16.24 4.35
N VAL A 414 -0.58 -15.38 3.83
CA VAL A 414 -0.41 -14.72 2.51
C VAL A 414 0.49 -13.52 2.70
N PRO A 415 1.63 -13.45 1.98
CA PRO A 415 2.55 -12.32 2.10
C PRO A 415 1.85 -10.98 1.81
N VAL A 416 2.13 -9.97 2.62
CA VAL A 416 1.54 -8.61 2.48
C VAL A 416 2.14 -7.96 1.23
N GLN A 417 1.28 -7.38 0.40
CA GLN A 417 1.69 -6.72 -0.86
C GLN A 417 1.13 -5.30 -0.89
N THR A 418 1.59 -4.48 -1.83
CA THR A 418 1.13 -3.09 -2.02
C THR A 418 0.30 -3.03 -3.31
N ALA A 419 -0.91 -2.49 -3.25
CA ALA A 419 -1.87 -2.54 -4.37
C ALA A 419 -1.51 -1.47 -5.40
N PHE A 420 -1.69 -0.21 -5.04
CA PHE A 420 -1.37 0.94 -5.92
C PHE A 420 -1.21 2.14 -5.00
N GLU A 421 -0.37 3.06 -5.47
CA GLU A 421 -0.10 4.34 -4.81
C GLU A 421 -1.33 5.23 -4.93
N PHE A 422 -1.62 5.98 -3.87
CA PHE A 422 -2.69 7.00 -3.81
C PHE A 422 -2.11 8.16 -2.99
#